data_8GC1
#
_entry.id   8GC1
#
_cell.length_a   119.503
_cell.length_b   156.114
_cell.length_c   77.024
_cell.angle_alpha   90.000
_cell.angle_beta   90.000
_cell.angle_gamma   90.000
#
_symmetry.space_group_name_H-M   'C 2 2 21'
#
loop_
_entity.id
_entity.type
_entity.pdbx_description
1 polymer 'PC39-1 UCA Fab heavy chain'
2 polymer 'PC39-1 UCA Fab light chain'
#
loop_
_entity_poly.entity_id
_entity_poly.type
_entity_poly.pdbx_seq_one_letter_code
_entity_poly.pdbx_strand_id
1 'polypeptide(L)'
;QVQLQQWGAGLLKPSETLSLTCAVYGGSFSGYYWSWIRQPPGKGLEWIGEINHSGSTNYNPSLKSRVTISVDTSKNQFSL
KLSSVTAADTAVYYCARGRRSVTWFGDLPPGNYGMDVWGQGTTVTVSSASTKGPSVFPLAPSSKSTSGGTAALGCLVKDY
FPEPVTVSWNSGALTSGVHTFPAVLQSSGLYSLSSVVTVPSSSLGTQTYICNVNHKPSNTKVDKRVEPKSCD
;
H
2 'polypeptide(L)'
;EIVLTQSPGTLSLSPGERATLSCRASQSVSSSYLAWYQQKPGQAPRLLIYGASSRATGIPDRFSGSGSGTDFTLTISRLE
PEDFAVYYCQQYGSSPPYTFGQGTKLEIKRTVAAPSVFIFPPSDEQLKSGTASVVCLLNNFYPREAKVQWKVDNALQSGN
SQESVTEQDSKDSTYSLSSTLTLSKADYEKHKVYACEVTHQGLSSPVTKSFNRGEC
;
L
#
# COMPACT_ATOMS: atom_id res chain seq x y z
N GLN A 1 -10.72 -15.25 -24.05
CA GLN A 1 -10.08 -14.56 -22.94
C GLN A 1 -9.84 -15.52 -21.77
N VAL A 2 -8.58 -15.80 -21.49
CA VAL A 2 -8.22 -16.68 -20.38
C VAL A 2 -8.43 -15.94 -19.06
N GLN A 3 -8.95 -16.65 -18.06
CA GLN A 3 -9.19 -16.08 -16.75
C GLN A 3 -8.68 -17.02 -15.66
N LEU A 4 -8.24 -16.43 -14.55
CA LEU A 4 -7.75 -17.18 -13.41
C LEU A 4 -8.55 -16.79 -12.18
N GLN A 5 -8.93 -17.78 -11.37
CA GLN A 5 -9.72 -17.55 -10.17
C GLN A 5 -9.05 -18.26 -9.00
N GLN A 6 -8.66 -17.49 -7.98
CA GLN A 6 -7.98 -18.04 -6.82
C GLN A 6 -8.88 -18.02 -5.59
N TRP A 7 -8.60 -18.93 -4.67
CA TRP A 7 -9.32 -18.98 -3.40
C TRP A 7 -8.42 -19.62 -2.34
N GLY A 8 -8.86 -19.52 -1.10
CA GLY A 8 -8.13 -20.09 0.02
C GLY A 8 -8.33 -19.26 1.27
N ALA A 9 -7.80 -19.78 2.37
CA ALA A 9 -7.90 -19.09 3.65
C ALA A 9 -6.94 -17.92 3.69
N GLY A 10 -7.43 -16.78 4.16
CA GLY A 10 -6.62 -15.57 4.20
C GLY A 10 -5.92 -15.33 5.53
N LEU A 11 -6.66 -15.39 6.63
CA LEU A 11 -6.11 -15.16 7.95
C LEU A 11 -5.67 -16.48 8.56
N LEU A 12 -4.38 -16.60 8.85
CA LEU A 12 -3.81 -17.83 9.41
C LEU A 12 -3.06 -17.50 10.69
N LYS A 13 -3.21 -18.37 11.69
CA LYS A 13 -2.43 -18.27 12.91
C LYS A 13 -0.98 -18.63 12.61
N PRO A 14 -0.01 -17.99 13.26
CA PRO A 14 1.40 -18.33 13.01
C PRO A 14 1.70 -19.80 13.29
N SER A 15 2.76 -20.29 12.65
CA SER A 15 3.28 -21.64 12.81
C SER A 15 2.34 -22.72 12.28
N GLU A 16 1.46 -22.38 11.34
CA GLU A 16 0.61 -23.37 10.68
C GLU A 16 0.80 -23.27 9.17
N THR A 17 0.00 -24.02 8.43
CA THR A 17 0.14 -24.12 6.98
C THR A 17 -0.88 -23.25 6.26
N LEU A 18 -0.47 -22.73 5.10
CA LEU A 18 -1.32 -21.96 4.21
C LEU A 18 -1.59 -22.77 2.95
N SER A 19 -2.84 -22.82 2.53
CA SER A 19 -3.25 -23.56 1.35
C SER A 19 -4.07 -22.66 0.45
N LEU A 20 -3.57 -22.42 -0.76
CA LEU A 20 -4.29 -21.63 -1.76
C LEU A 20 -4.48 -22.46 -3.01
N THR A 21 -5.52 -22.14 -3.78
CA THR A 21 -5.81 -22.87 -5.01
C THR A 21 -6.16 -21.87 -6.11
N CYS A 22 -5.81 -22.23 -7.34
CA CYS A 22 -6.05 -21.40 -8.51
C CYS A 22 -6.64 -22.27 -9.61
N ALA A 23 -7.66 -21.73 -10.30
CA ALA A 23 -8.34 -22.43 -11.38
C ALA A 23 -8.27 -21.60 -12.64
N VAL A 24 -7.92 -22.26 -13.75
CA VAL A 24 -7.78 -21.62 -15.06
C VAL A 24 -9.03 -21.93 -15.87
N TYR A 25 -9.69 -20.89 -16.38
CA TYR A 25 -10.93 -21.04 -17.12
C TYR A 25 -10.82 -20.28 -18.44
N GLY A 26 -11.08 -20.97 -19.54
CA GLY A 26 -11.04 -20.36 -20.85
C GLY A 26 -9.71 -20.41 -21.57
N GLY A 27 -8.79 -21.27 -21.13
CA GLY A 27 -7.48 -21.36 -21.74
C GLY A 27 -6.97 -22.78 -21.77
N SER A 28 -5.85 -22.97 -22.47
CA SER A 28 -5.23 -24.28 -22.57
C SER A 28 -4.40 -24.58 -21.32
N PHE A 29 -4.22 -25.86 -21.07
CA PHE A 29 -3.32 -26.35 -20.03
C PHE A 29 -2.12 -26.99 -20.69
N SER A 30 -0.99 -27.02 -19.96
CA SER A 30 0.29 -27.52 -20.47
C SER A 30 0.82 -26.57 -21.55
N GLY A 31 2.15 -26.47 -21.65
CA GLY A 31 2.75 -25.44 -22.48
C GLY A 31 2.79 -24.08 -21.83
N TYR A 32 2.10 -23.90 -20.71
CA TYR A 32 2.19 -22.70 -19.88
C TYR A 32 2.72 -23.11 -18.51
N TYR A 33 3.38 -22.17 -17.84
CA TYR A 33 3.98 -22.42 -16.52
C TYR A 33 3.13 -21.75 -15.45
N TRP A 34 2.58 -22.56 -14.55
CA TRP A 34 1.67 -22.06 -13.52
C TRP A 34 2.48 -21.56 -12.33
N SER A 35 2.60 -20.24 -12.21
CA SER A 35 3.49 -19.63 -11.23
C SER A 35 2.70 -18.98 -10.10
N TRP A 36 3.35 -18.90 -8.94
CA TRP A 36 2.82 -18.20 -7.78
C TRP A 36 3.75 -17.06 -7.40
N ILE A 37 3.17 -15.97 -6.91
CA ILE A 37 3.92 -14.75 -6.59
C ILE A 37 3.30 -14.12 -5.35
N ARG A 38 4.13 -13.52 -4.50
CA ARG A 38 3.63 -12.80 -3.34
C ARG A 38 4.22 -11.39 -3.31
N GLN A 39 3.41 -10.46 -2.85
CA GLN A 39 3.81 -9.05 -2.72
C GLN A 39 3.58 -8.61 -1.29
N PRO A 40 4.64 -8.36 -0.51
CA PRO A 40 4.46 -7.88 0.87
C PRO A 40 3.85 -6.49 0.89
N PRO A 41 3.30 -6.06 2.02
CA PRO A 41 2.69 -4.72 2.09
C PRO A 41 3.71 -3.63 1.86
N GLY A 42 3.49 -2.84 0.81
CA GLY A 42 4.37 -1.74 0.50
C GLY A 42 5.68 -2.12 -0.14
N LYS A 43 5.81 -3.35 -0.64
CA LYS A 43 7.04 -3.83 -1.26
C LYS A 43 6.75 -4.34 -2.67
N GLY A 44 7.79 -4.87 -3.31
CA GLY A 44 7.68 -5.42 -4.64
C GLY A 44 7.17 -6.85 -4.64
N LEU A 45 7.41 -7.55 -5.75
CA LEU A 45 6.91 -8.90 -5.96
C LEU A 45 8.04 -9.91 -5.81
N GLU A 46 7.67 -11.12 -5.37
CA GLU A 46 8.61 -12.22 -5.21
C GLU A 46 8.08 -13.43 -5.97
N TRP A 47 8.96 -14.07 -6.74
CA TRP A 47 8.58 -15.28 -7.47
C TRP A 47 8.72 -16.49 -6.57
N ILE A 48 7.64 -17.27 -6.46
CA ILE A 48 7.60 -18.40 -5.53
C ILE A 48 7.98 -19.68 -6.26
N GLY A 49 7.21 -20.07 -7.27
CA GLY A 49 7.49 -21.29 -8.00
C GLY A 49 6.55 -21.44 -9.18
N GLU A 50 6.85 -22.45 -9.99
CA GLU A 50 6.09 -22.73 -11.21
C GLU A 50 5.86 -24.23 -11.34
N ILE A 51 4.95 -24.59 -12.24
CA ILE A 51 4.62 -26.00 -12.50
C ILE A 51 3.93 -26.05 -13.85
N ASN A 52 3.92 -27.24 -14.47
CA ASN A 52 3.28 -27.42 -15.77
C ASN A 52 2.27 -28.57 -15.74
N HIS A 53 2.11 -29.27 -16.85
CA HIS A 53 1.19 -30.40 -16.90
C HIS A 53 1.60 -31.49 -15.90
N SER A 54 2.87 -31.85 -15.89
CA SER A 54 3.38 -32.87 -15.00
C SER A 54 4.02 -32.20 -13.77
N GLY A 55 4.87 -32.94 -13.06
CA GLY A 55 5.48 -32.43 -11.85
C GLY A 55 6.76 -31.67 -12.09
N SER A 56 6.67 -30.49 -12.71
CA SER A 56 7.84 -29.64 -12.94
C SER A 56 7.94 -28.61 -11.80
N THR A 57 8.31 -29.12 -10.63
CA THR A 57 8.42 -28.30 -9.43
C THR A 57 9.76 -27.58 -9.42
N ASN A 58 9.74 -26.28 -9.69
CA ASN A 58 10.93 -25.43 -9.62
C ASN A 58 10.59 -24.31 -8.64
N TYR A 59 11.08 -24.42 -7.41
CA TYR A 59 10.72 -23.49 -6.34
C TYR A 59 11.75 -22.38 -6.23
N ASN A 60 11.64 -21.59 -5.16
CA ASN A 60 12.58 -20.52 -4.85
C ASN A 60 13.41 -20.92 -3.64
N PRO A 61 14.74 -20.76 -3.69
CA PRO A 61 15.57 -21.20 -2.56
C PRO A 61 15.32 -20.43 -1.27
N SER A 62 14.78 -19.21 -1.34
CA SER A 62 14.52 -18.44 -0.13
C SER A 62 13.42 -19.05 0.73
N LEU A 63 12.55 -19.88 0.14
CA LEU A 63 11.48 -20.52 0.90
C LEU A 63 11.26 -21.97 0.46
N LYS A 64 12.26 -22.59 -0.17
CA LYS A 64 12.08 -23.92 -0.76
C LYS A 64 11.74 -24.97 0.30
N SER A 65 12.24 -24.80 1.53
CA SER A 65 12.04 -25.83 2.54
C SER A 65 10.60 -25.93 3.01
N ARG A 66 9.79 -24.91 2.76
CA ARG A 66 8.43 -24.84 3.30
C ARG A 66 7.36 -24.74 2.23
N VAL A 67 7.72 -24.82 0.95
CA VAL A 67 6.79 -24.61 -0.14
C VAL A 67 6.60 -25.91 -0.91
N THR A 68 5.36 -26.17 -1.35
CA THR A 68 5.03 -27.29 -2.22
C THR A 68 3.92 -26.86 -3.16
N ILE A 69 4.09 -27.13 -4.44
CA ILE A 69 3.12 -26.79 -5.47
C ILE A 69 2.61 -28.08 -6.10
N SER A 70 1.29 -28.22 -6.20
CA SER A 70 0.65 -29.38 -6.78
C SER A 70 -0.30 -28.94 -7.89
N VAL A 71 -0.74 -29.91 -8.70
CA VAL A 71 -1.60 -29.63 -9.85
C VAL A 71 -2.64 -30.75 -9.98
N ASP A 72 -3.84 -30.38 -10.41
CA ASP A 72 -4.93 -31.32 -10.67
C ASP A 72 -5.42 -31.07 -12.09
N THR A 73 -5.36 -32.11 -12.93
CA THR A 73 -5.67 -31.99 -14.35
C THR A 73 -7.15 -32.19 -14.65
N SER A 74 -7.85 -33.01 -13.87
CA SER A 74 -9.27 -33.23 -14.09
C SER A 74 -10.11 -31.99 -13.81
N LYS A 75 -9.55 -30.99 -13.14
CA LYS A 75 -10.27 -29.75 -12.84
C LYS A 75 -9.54 -28.51 -13.33
N ASN A 76 -8.38 -28.67 -13.98
CA ASN A 76 -7.59 -27.54 -14.47
C ASN A 76 -7.23 -26.57 -13.33
N GLN A 77 -6.70 -27.13 -12.25
CA GLN A 77 -6.37 -26.34 -11.07
C GLN A 77 -4.95 -26.61 -10.62
N PHE A 78 -4.41 -25.69 -9.82
CA PHE A 78 -3.12 -25.90 -9.20
C PHE A 78 -3.08 -25.19 -7.86
N SER A 79 -2.45 -25.83 -6.88
CA SER A 79 -2.50 -25.42 -5.49
C SER A 79 -1.10 -25.14 -4.95
N LEU A 80 -1.04 -24.14 -4.08
CA LEU A 80 0.17 -23.74 -3.38
C LEU A 80 0.02 -24.04 -1.89
N LYS A 81 1.08 -24.58 -1.27
CA LYS A 81 1.05 -24.94 0.13
C LYS A 81 2.33 -24.46 0.79
N LEU A 82 2.18 -23.67 1.85
CA LEU A 82 3.30 -23.17 2.64
C LEU A 82 3.20 -23.72 4.05
N SER A 83 4.35 -24.01 4.66
CA SER A 83 4.39 -24.59 5.99
C SER A 83 5.21 -23.72 6.93
N SER A 84 4.89 -23.81 8.22
CA SER A 84 5.58 -23.06 9.28
C SER A 84 5.63 -21.56 8.94
N VAL A 85 4.46 -21.00 8.66
CA VAL A 85 4.39 -19.60 8.26
C VAL A 85 4.58 -18.70 9.48
N THR A 86 5.08 -17.49 9.24
CA THR A 86 5.26 -16.48 10.27
C THR A 86 4.70 -15.16 9.76
N ALA A 87 4.83 -14.11 10.59
CA ALA A 87 4.32 -12.80 10.22
C ALA A 87 5.03 -12.22 9.00
N ALA A 88 6.22 -12.74 8.66
CA ALA A 88 6.94 -12.25 7.49
C ALA A 88 6.26 -12.66 6.19
N ASP A 89 5.40 -13.67 6.21
CA ASP A 89 4.74 -14.16 5.01
C ASP A 89 3.46 -13.40 4.68
N THR A 90 3.07 -12.44 5.52
CA THR A 90 1.90 -11.61 5.24
C THR A 90 2.09 -10.86 3.92
N ALA A 91 1.26 -11.16 2.93
CA ALA A 91 1.43 -10.57 1.61
C ALA A 91 0.17 -10.85 0.79
N VAL A 92 0.10 -10.18 -0.37
CA VAL A 92 -0.95 -10.46 -1.36
C VAL A 92 -0.40 -11.51 -2.32
N TYR A 93 -1.08 -12.64 -2.42
CA TYR A 93 -0.64 -13.75 -3.25
C TYR A 93 -1.43 -13.78 -4.56
N TYR A 94 -0.71 -14.00 -5.65
CA TYR A 94 -1.27 -14.08 -6.99
C TYR A 94 -0.83 -15.39 -7.64
N CYS A 95 -1.70 -15.96 -8.46
CA CYS A 95 -1.34 -17.00 -9.40
C CYS A 95 -1.31 -16.42 -10.80
N ALA A 96 -0.38 -16.90 -11.62
CA ALA A 96 -0.18 -16.32 -12.94
C ALA A 96 0.25 -17.41 -13.92
N ARG A 97 0.20 -17.06 -15.20
CA ARG A 97 0.48 -17.96 -16.30
C ARG A 97 1.73 -17.45 -17.03
N GLY A 98 2.89 -17.99 -16.69
CA GLY A 98 4.11 -17.69 -17.41
C GLY A 98 4.08 -18.30 -18.79
N ARG A 99 4.28 -17.48 -19.82
CA ARG A 99 4.20 -17.90 -21.20
C ARG A 99 5.52 -17.61 -21.93
N GLY A 114 6.40 -13.95 -21.42
CA GLY A 114 6.41 -13.54 -20.03
C GLY A 114 5.26 -14.14 -19.24
N MET A 115 4.65 -13.32 -18.37
CA MET A 115 3.48 -13.70 -17.60
C MET A 115 2.33 -12.79 -18.02
N ASP A 116 1.32 -13.35 -18.69
CA ASP A 116 0.28 -12.55 -19.33
C ASP A 116 -0.92 -12.32 -18.42
N VAL A 117 -1.58 -13.39 -17.98
CA VAL A 117 -2.80 -13.30 -17.19
C VAL A 117 -2.49 -13.59 -15.73
N TRP A 118 -3.01 -12.74 -14.84
CA TRP A 118 -2.84 -12.87 -13.40
C TRP A 118 -4.19 -13.05 -12.74
N GLY A 119 -4.21 -13.74 -11.61
CA GLY A 119 -5.40 -13.86 -10.81
C GLY A 119 -5.73 -12.55 -10.10
N GLN A 120 -6.85 -12.56 -9.39
CA GLN A 120 -7.27 -11.39 -8.64
C GLN A 120 -6.47 -11.18 -7.37
N GLY A 121 -5.79 -12.21 -6.88
CA GLY A 121 -4.99 -12.09 -5.68
C GLY A 121 -5.78 -12.22 -4.40
N THR A 122 -5.15 -12.75 -3.36
CA THR A 122 -5.77 -12.86 -2.04
C THR A 122 -4.80 -12.34 -1.00
N THR A 123 -5.28 -11.49 -0.11
CA THR A 123 -4.45 -10.95 0.97
C THR A 123 -4.38 -11.96 2.11
N VAL A 124 -3.17 -12.41 2.45
CA VAL A 124 -2.96 -13.41 3.48
C VAL A 124 -2.13 -12.76 4.57
N THR A 125 -2.71 -12.60 5.75
CA THR A 125 -2.04 -12.02 6.90
C THR A 125 -1.82 -13.08 7.97
N VAL A 126 -0.66 -13.04 8.61
CA VAL A 126 -0.30 -13.96 9.68
C VAL A 126 -0.14 -13.17 10.96
N SER A 127 -0.97 -13.45 11.95
CA SER A 127 -0.92 -12.73 13.21
C SER A 127 -1.51 -13.61 14.31
N SER A 128 -0.85 -13.63 15.47
CA SER A 128 -1.34 -14.36 16.63
C SER A 128 -2.45 -13.61 17.35
N ALA A 129 -2.79 -12.40 16.92
CA ALA A 129 -3.85 -11.63 17.54
C ALA A 129 -5.23 -12.19 17.15
N SER A 130 -6.23 -11.76 17.89
CA SER A 130 -7.61 -12.18 17.66
C SER A 130 -8.43 -11.05 17.06
N THR A 131 -9.59 -11.39 16.53
CA THR A 131 -10.47 -10.39 15.93
C THR A 131 -11.06 -9.50 17.02
N LYS A 132 -11.00 -8.18 16.82
CA LYS A 132 -11.49 -7.22 17.79
C LYS A 132 -12.09 -6.03 17.07
N GLY A 133 -13.21 -5.54 17.60
CA GLY A 133 -13.87 -4.38 17.05
C GLY A 133 -13.09 -3.11 17.28
N PRO A 134 -13.27 -2.13 16.42
CA PRO A 134 -12.52 -0.88 16.54
C PRO A 134 -13.10 0.05 17.60
N SER A 135 -12.25 0.96 18.07
CA SER A 135 -12.65 2.04 18.96
C SER A 135 -12.49 3.35 18.21
N VAL A 136 -13.56 4.11 18.09
CA VAL A 136 -13.57 5.36 17.33
C VAL A 136 -13.60 6.53 18.29
N PHE A 137 -12.64 7.44 18.14
CA PHE A 137 -12.56 8.64 18.95
C PHE A 137 -12.61 9.87 18.03
N PRO A 138 -13.10 11.01 18.52
CA PRO A 138 -13.22 12.19 17.67
C PRO A 138 -12.03 13.13 17.76
N LEU A 139 -11.42 13.46 16.62
CA LEU A 139 -10.41 14.51 16.54
C LEU A 139 -11.16 15.80 16.22
N ALA A 140 -11.48 16.55 17.27
CA ALA A 140 -12.38 17.70 17.19
C ALA A 140 -11.65 18.93 16.65
N PRO A 141 -12.35 19.81 15.95
CA PRO A 141 -11.73 21.04 15.46
C PRO A 141 -11.54 22.05 16.58
N SER A 142 -10.89 23.15 16.24
CA SER A 142 -10.65 24.24 17.19
C SER A 142 -10.45 25.57 16.48
N THR A 150 -10.85 28.17 6.81
CA THR A 150 -11.30 26.79 6.85
C THR A 150 -10.98 26.13 8.19
N ALA A 151 -11.29 24.85 8.30
CA ALA A 151 -11.02 24.08 9.51
C ALA A 151 -10.99 22.61 9.13
N ALA A 152 -10.53 21.78 10.07
CA ALA A 152 -10.39 20.35 9.81
C ALA A 152 -10.80 19.57 11.03
N LEU A 153 -11.42 18.41 10.81
CA LEU A 153 -11.84 17.53 11.89
C LEU A 153 -11.87 16.10 11.38
N GLY A 154 -11.78 15.15 12.30
CA GLY A 154 -11.72 13.77 11.85
C GLY A 154 -12.08 12.76 12.92
N CYS A 155 -11.82 11.50 12.59
CA CYS A 155 -12.07 10.37 13.47
C CYS A 155 -10.83 9.48 13.51
N LEU A 156 -10.55 8.95 14.70
CA LEU A 156 -9.43 8.03 14.92
C LEU A 156 -10.00 6.65 15.21
N VAL A 157 -9.73 5.70 14.31
CA VAL A 157 -10.23 4.33 14.43
C VAL A 157 -9.05 3.48 14.87
N LYS A 158 -9.02 3.12 16.15
CA LYS A 158 -7.86 2.47 16.75
C LYS A 158 -8.23 1.08 17.26
N ASP A 159 -7.24 0.18 17.26
CA ASP A 159 -7.34 -1.11 17.94
C ASP A 159 -8.45 -1.97 17.33
N TYR A 160 -8.20 -2.41 16.09
CA TYR A 160 -9.08 -3.33 15.39
C TYR A 160 -8.23 -4.33 14.63
N PHE A 161 -8.79 -5.53 14.45
CA PHE A 161 -8.10 -6.59 13.72
C PHE A 161 -9.14 -7.57 13.21
N PRO A 162 -9.03 -8.03 11.95
CA PRO A 162 -8.04 -7.54 10.98
C PRO A 162 -8.63 -6.48 10.07
N GLU A 163 -7.85 -6.05 9.08
CA GLU A 163 -8.34 -5.10 8.09
C GLU A 163 -9.42 -5.75 7.24
N PRO A 164 -10.27 -4.95 6.56
CA PRO A 164 -10.30 -3.48 6.57
C PRO A 164 -11.45 -2.90 7.39
N VAL A 165 -11.54 -1.58 7.41
CA VAL A 165 -12.70 -0.85 7.92
C VAL A 165 -13.05 0.22 6.90
N THR A 166 -14.35 0.49 6.78
CA THR A 166 -14.87 1.48 5.84
C THR A 166 -15.36 2.69 6.61
N VAL A 167 -14.85 3.87 6.26
CA VAL A 167 -15.22 5.11 6.93
C VAL A 167 -15.89 6.03 5.92
N SER A 168 -17.10 6.48 6.24
CA SER A 168 -17.81 7.49 5.48
C SER A 168 -18.18 8.64 6.40
N TRP A 169 -18.69 9.73 5.82
CA TRP A 169 -19.05 10.91 6.58
C TRP A 169 -20.47 11.34 6.23
N ASN A 170 -21.28 11.55 7.27
CA ASN A 170 -22.70 11.90 7.13
C ASN A 170 -23.46 10.86 6.30
N SER A 171 -23.08 9.59 6.45
CA SER A 171 -23.68 8.47 5.71
C SER A 171 -23.60 8.71 4.20
N GLY A 172 -22.38 8.97 3.72
CA GLY A 172 -22.13 9.18 2.31
C GLY A 172 -22.45 10.57 1.79
N ALA A 173 -23.08 11.42 2.60
CA ALA A 173 -23.41 12.76 2.12
C ALA A 173 -22.15 13.61 1.92
N LEU A 174 -21.23 13.57 2.88
CA LEU A 174 -19.98 14.32 2.79
C LEU A 174 -18.90 13.42 2.19
N THR A 175 -18.35 13.86 1.05
CA THR A 175 -17.30 13.10 0.39
C THR A 175 -16.12 13.99 0.01
N SER A 176 -16.41 15.26 -0.27
CA SER A 176 -15.37 16.20 -0.68
C SER A 176 -14.44 16.52 0.49
N GLY A 177 -13.16 16.68 0.17
CA GLY A 177 -12.18 17.05 1.18
C GLY A 177 -11.88 15.99 2.20
N VAL A 178 -12.33 14.76 2.01
CA VAL A 178 -12.12 13.68 2.95
C VAL A 178 -10.85 12.94 2.59
N HIS A 179 -10.03 12.65 3.60
CA HIS A 179 -8.79 11.89 3.44
C HIS A 179 -8.77 10.81 4.50
N THR A 180 -8.96 9.55 4.07
CA THR A 180 -8.85 8.40 4.96
C THR A 180 -7.48 7.76 4.75
N PHE A 181 -6.72 7.61 5.84
CA PHE A 181 -5.33 7.19 5.71
C PHE A 181 -5.21 5.67 5.87
N PRO A 182 -4.23 5.07 5.18
CA PRO A 182 -4.00 3.64 5.35
C PRO A 182 -3.61 3.30 6.79
N ALA A 183 -4.03 2.11 7.22
CA ALA A 183 -3.80 1.70 8.59
C ALA A 183 -2.33 1.45 8.85
N VAL A 184 -2.00 1.23 10.12
CA VAL A 184 -0.65 0.91 10.55
C VAL A 184 -0.72 -0.22 11.57
N LEU A 185 0.16 -1.20 11.42
CA LEU A 185 0.22 -2.34 12.34
C LEU A 185 0.94 -1.91 13.60
N GLN A 186 0.19 -1.66 14.67
CA GLN A 186 0.78 -1.27 15.94
C GLN A 186 1.55 -2.45 16.53
N SER A 187 2.38 -2.14 17.54
CA SER A 187 3.17 -3.17 18.20
C SER A 187 2.29 -4.20 18.91
N SER A 188 1.06 -3.83 19.27
CA SER A 188 0.15 -4.75 19.93
C SER A 188 -0.43 -5.79 18.96
N GLY A 189 -0.23 -5.62 17.66
CA GLY A 189 -0.78 -6.53 16.68
C GLY A 189 -2.08 -6.08 16.04
N LEU A 190 -2.63 -4.95 16.47
CA LEU A 190 -3.87 -4.43 15.95
C LEU A 190 -3.62 -3.20 15.09
N TYR A 191 -4.61 -2.83 14.29
CA TYR A 191 -4.48 -1.76 13.32
C TYR A 191 -5.13 -0.48 13.81
N SER A 192 -4.71 0.64 13.21
CA SER A 192 -5.23 1.94 13.59
C SER A 192 -5.07 2.88 12.40
N LEU A 193 -6.13 3.62 12.09
CA LEU A 193 -6.09 4.61 11.02
C LEU A 193 -6.87 5.84 11.45
N SER A 194 -6.89 6.84 10.58
CA SER A 194 -7.61 8.08 10.84
C SER A 194 -8.24 8.56 9.55
N SER A 195 -9.40 9.21 9.68
CA SER A 195 -10.12 9.77 8.54
C SER A 195 -10.42 11.22 8.86
N VAL A 196 -9.80 12.14 8.13
CA VAL A 196 -9.96 13.57 8.37
C VAL A 196 -10.76 14.18 7.22
N VAL A 197 -11.23 15.41 7.44
CA VAL A 197 -11.97 16.15 6.43
C VAL A 197 -11.82 17.63 6.74
N THR A 198 -11.58 18.41 5.70
CA THR A 198 -11.48 19.86 5.80
C THR A 198 -12.82 20.47 5.36
N VAL A 199 -13.41 21.27 6.23
CA VAL A 199 -14.69 21.93 5.97
C VAL A 199 -14.54 23.41 6.30
N PRO A 200 -15.27 24.30 5.64
CA PRO A 200 -15.21 25.71 6.02
C PRO A 200 -15.68 25.91 7.46
N SER A 201 -14.94 26.73 8.20
CA SER A 201 -15.19 26.91 9.62
C SER A 201 -16.54 27.56 9.92
N SER A 202 -17.28 28.01 8.89
CA SER A 202 -18.58 28.61 9.13
C SER A 202 -19.63 27.56 9.49
N SER A 203 -19.45 26.33 9.01
CA SER A 203 -20.43 25.27 9.22
C SER A 203 -20.24 24.53 10.54
N LEU A 204 -19.20 24.85 11.31
CA LEU A 204 -18.95 24.15 12.56
C LEU A 204 -20.13 24.22 13.51
N GLY A 205 -20.85 25.35 13.51
CA GLY A 205 -22.05 25.47 14.32
C GLY A 205 -23.31 25.18 13.52
N THR A 206 -23.18 25.15 12.20
CA THR A 206 -24.31 24.95 11.30
C THR A 206 -24.47 23.50 10.88
N GLN A 207 -23.40 22.86 10.43
CA GLN A 207 -23.45 21.48 9.96
C GLN A 207 -22.99 20.52 11.04
N THR A 208 -23.66 19.38 11.14
CA THR A 208 -23.28 18.32 12.07
C THR A 208 -22.45 17.30 11.30
N TYR A 209 -21.25 17.00 11.81
CA TYR A 209 -20.32 16.09 11.15
C TYR A 209 -20.25 14.80 11.95
N ILE A 210 -20.64 13.70 11.32
CA ILE A 210 -20.64 12.38 11.93
C ILE A 210 -19.88 11.43 11.01
N CYS A 211 -19.02 10.60 11.60
CA CYS A 211 -18.25 9.61 10.84
C CYS A 211 -18.81 8.22 11.13
N ASN A 212 -19.00 7.45 10.06
CA ASN A 212 -19.52 6.09 10.14
C ASN A 212 -18.39 5.12 9.85
N VAL A 213 -18.12 4.24 10.81
CA VAL A 213 -17.05 3.25 10.70
C VAL A 213 -17.67 1.86 10.69
N ASN A 214 -17.32 1.07 9.69
CA ASN A 214 -17.85 -0.27 9.52
C ASN A 214 -16.71 -1.27 9.52
N HIS A 215 -16.85 -2.32 10.34
CA HIS A 215 -15.84 -3.38 10.46
C HIS A 215 -16.57 -4.71 10.28
N LYS A 216 -16.43 -5.31 9.10
CA LYS A 216 -17.12 -6.58 8.83
C LYS A 216 -16.54 -7.75 9.62
N PRO A 217 -15.21 -7.94 9.69
CA PRO A 217 -14.70 -9.11 10.45
C PRO A 217 -15.17 -9.16 11.89
N SER A 218 -15.43 -8.02 12.51
CA SER A 218 -15.99 -7.99 13.86
C SER A 218 -17.51 -7.79 13.87
N ASN A 219 -18.11 -7.52 12.70
CA ASN A 219 -19.54 -7.27 12.59
C ASN A 219 -19.96 -6.10 13.48
N THR A 220 -19.35 -4.95 13.21
CA THR A 220 -19.50 -3.77 14.06
C THR A 220 -19.69 -2.54 13.19
N LYS A 221 -20.51 -1.61 13.68
CA LYS A 221 -20.66 -0.29 13.08
C LYS A 221 -20.73 0.74 14.18
N VAL A 222 -20.04 1.86 13.98
CA VAL A 222 -19.95 2.93 14.96
C VAL A 222 -20.20 4.26 14.28
N ASP A 223 -21.22 4.98 14.72
CA ASP A 223 -21.49 6.34 14.29
C ASP A 223 -20.99 7.29 15.37
N LYS A 224 -19.97 8.08 15.05
CA LYS A 224 -19.35 8.97 16.02
C LYS A 224 -19.58 10.42 15.59
N ARG A 225 -20.22 11.18 16.46
CA ARG A 225 -20.44 12.60 16.22
C ARG A 225 -19.21 13.40 16.60
N VAL A 226 -18.75 14.26 15.71
CA VAL A 226 -17.57 15.09 15.92
C VAL A 226 -18.04 16.54 16.04
N GLU A 227 -18.13 17.02 17.27
CA GLU A 227 -18.54 18.40 17.52
C GLU A 227 -17.35 19.24 17.99
N PRO A 228 -17.40 20.55 17.78
CA PRO A 228 -16.28 21.40 18.22
C PRO A 228 -16.09 21.32 19.72
N LYS A 229 -14.84 21.11 20.13
CA LYS A 229 -14.53 20.93 21.55
C LYS A 229 -14.28 22.26 22.24
N GLU B 1 23.48 -15.85 -10.36
CA GLU B 1 22.52 -14.96 -9.72
C GLU B 1 22.38 -13.65 -10.48
N ILE B 2 21.21 -13.42 -11.05
CA ILE B 2 20.90 -12.20 -11.79
C ILE B 2 19.93 -11.38 -10.95
N VAL B 3 20.36 -10.19 -10.54
CA VAL B 3 19.51 -9.25 -9.80
C VAL B 3 19.17 -8.09 -10.73
N LEU B 4 17.93 -7.61 -10.63
CA LEU B 4 17.45 -6.52 -11.45
C LEU B 4 17.32 -5.26 -10.61
N THR B 5 17.50 -4.12 -11.27
CA THR B 5 17.61 -2.84 -10.58
C THR B 5 16.96 -1.76 -11.43
N GLN B 6 16.07 -0.99 -10.82
CA GLN B 6 15.32 0.05 -11.52
C GLN B 6 15.62 1.41 -10.92
N SER B 7 15.81 2.41 -11.79
CA SER B 7 16.05 3.78 -11.38
C SER B 7 15.35 4.69 -12.37
N PRO B 8 14.77 5.82 -11.89
CA PRO B 8 14.77 6.22 -10.49
C PRO B 8 13.76 5.45 -9.64
N GLY B 9 13.75 5.71 -8.34
CA GLY B 9 12.72 5.14 -7.49
C GLY B 9 11.38 5.83 -7.64
N THR B 10 11.39 7.10 -8.04
CA THR B 10 10.17 7.87 -8.24
C THR B 10 10.39 8.81 -9.40
N LEU B 11 9.64 8.64 -10.48
CA LEU B 11 9.70 9.53 -11.62
C LEU B 11 8.48 10.43 -11.62
N SER B 12 8.71 11.75 -11.70
CA SER B 12 7.65 12.74 -11.62
C SER B 12 7.64 13.53 -12.92
N LEU B 13 6.64 13.27 -13.76
CA LEU B 13 6.50 13.95 -15.03
C LEU B 13 5.04 14.34 -15.25
N SER B 14 4.83 15.30 -16.15
CA SER B 14 3.51 15.82 -16.45
C SER B 14 2.83 14.99 -17.54
N PRO B 15 1.50 14.98 -17.58
CA PRO B 15 0.80 14.29 -18.68
C PRO B 15 1.12 14.96 -20.01
N GLY B 16 1.70 14.16 -20.91
CA GLY B 16 2.17 14.63 -22.20
C GLY B 16 3.67 14.54 -22.39
N GLU B 17 4.43 14.63 -21.29
CA GLU B 17 5.87 14.50 -21.36
C GLU B 17 6.27 13.04 -21.55
N ARG B 18 7.45 12.83 -22.12
CA ARG B 18 7.94 11.48 -22.38
C ARG B 18 8.61 10.91 -21.13
N ALA B 19 8.31 9.65 -20.83
CA ALA B 19 8.83 8.98 -19.65
C ALA B 19 9.79 7.87 -20.05
N THR B 20 10.95 7.81 -19.39
CA THR B 20 11.97 6.80 -19.66
C THR B 20 12.38 6.15 -18.35
N LEU B 21 12.07 4.86 -18.18
CA LEU B 21 12.41 4.09 -17.01
C LEU B 21 13.54 3.13 -17.33
N SER B 22 14.36 2.80 -16.34
CA SER B 22 15.56 2.01 -16.58
C SER B 22 15.56 0.74 -15.73
N CYS B 23 16.25 -0.29 -16.23
CA CYS B 23 16.38 -1.57 -15.55
C CYS B 23 17.81 -2.06 -15.76
N ARG B 24 18.52 -2.34 -14.67
CA ARG B 24 19.91 -2.76 -14.70
C ARG B 24 20.04 -4.17 -14.13
N ALA B 25 20.79 -5.02 -14.84
CA ALA B 25 20.97 -6.41 -14.46
C ALA B 25 22.39 -6.66 -13.97
N SER B 26 22.53 -7.63 -13.07
CA SER B 26 23.83 -8.02 -12.55
C SER B 26 24.67 -8.68 -13.63
N GLN B 27 24.26 -9.85 -14.07
CA GLN B 27 24.94 -10.55 -15.16
C GLN B 27 24.48 -9.97 -16.50
N SER B 28 24.95 -10.58 -17.58
CA SER B 28 24.52 -10.21 -18.93
C SER B 28 23.29 -11.03 -19.30
N VAL B 29 22.22 -10.35 -19.68
CA VAL B 29 20.94 -10.97 -19.98
C VAL B 29 20.56 -10.62 -21.42
N SER B 30 20.17 -11.64 -22.18
CA SER B 30 19.71 -11.41 -23.54
C SER B 30 18.45 -10.55 -23.53
N SER B 31 18.31 -9.70 -24.55
CA SER B 31 17.21 -8.74 -24.56
C SER B 31 15.85 -9.44 -24.60
N SER B 32 15.80 -10.68 -25.12
CA SER B 32 14.54 -11.40 -25.20
C SER B 32 14.09 -11.93 -23.84
N TYR B 33 14.98 -11.98 -22.86
CA TYR B 33 14.68 -12.58 -21.56
C TYR B 33 14.15 -11.57 -20.54
N LEU B 34 13.88 -10.34 -20.95
CA LEU B 34 13.41 -9.31 -20.03
C LEU B 34 11.94 -9.00 -20.29
N ALA B 35 11.20 -8.70 -19.22
CA ALA B 35 9.80 -8.36 -19.32
C ALA B 35 9.50 -7.16 -18.42
N TRP B 36 8.39 -6.48 -18.71
CA TRP B 36 7.96 -5.32 -17.96
C TRP B 36 6.50 -5.50 -17.53
N TYR B 37 6.15 -4.90 -16.40
CA TYR B 37 4.82 -5.00 -15.82
C TYR B 37 4.39 -3.65 -15.27
N GLN B 38 3.10 -3.37 -15.39
CA GLN B 38 2.49 -2.17 -14.82
C GLN B 38 1.46 -2.60 -13.78
N GLN B 39 1.59 -2.08 -12.56
CA GLN B 39 0.66 -2.39 -11.48
C GLN B 39 0.13 -1.10 -10.87
N LYS B 40 -1.17 -1.07 -10.65
CA LYS B 40 -1.86 0.02 -9.98
C LYS B 40 -2.26 -0.40 -8.57
N PRO B 41 -2.49 0.55 -7.67
CA PRO B 41 -2.81 0.18 -6.27
C PRO B 41 -4.08 -0.65 -6.18
N GLY B 42 -3.94 -1.83 -5.55
CA GLY B 42 -5.04 -2.74 -5.36
C GLY B 42 -5.24 -3.76 -6.47
N GLN B 43 -4.70 -3.50 -7.66
CA GLN B 43 -4.90 -4.37 -8.81
C GLN B 43 -3.67 -5.22 -9.07
N ALA B 44 -3.86 -6.25 -9.89
CA ALA B 44 -2.80 -7.16 -10.26
C ALA B 44 -1.89 -6.52 -11.29
N PRO B 45 -0.64 -6.99 -11.41
CA PRO B 45 0.27 -6.43 -12.42
C PRO B 45 -0.21 -6.73 -13.83
N ARG B 46 -0.09 -5.73 -14.70
CA ARG B 46 -0.52 -5.84 -16.10
C ARG B 46 0.72 -5.92 -16.98
N LEU B 47 0.85 -7.03 -17.71
CA LEU B 47 2.02 -7.25 -18.55
C LEU B 47 2.07 -6.25 -19.69
N LEU B 48 3.22 -5.60 -19.86
CA LEU B 48 3.44 -4.63 -20.92
C LEU B 48 4.32 -5.19 -22.03
N ILE B 49 5.55 -5.61 -21.71
CA ILE B 49 6.50 -6.14 -22.67
C ILE B 49 6.95 -7.51 -22.18
N TYR B 50 7.15 -8.45 -23.10
CA TYR B 50 7.66 -9.76 -22.75
C TYR B 50 9.00 -10.07 -23.41
N GLY B 51 9.54 -9.15 -24.20
CA GLY B 51 10.87 -9.27 -24.76
C GLY B 51 11.61 -7.97 -24.61
N ALA B 52 12.38 -7.62 -25.63
CA ALA B 52 13.04 -6.31 -25.64
C ALA B 52 12.03 -5.21 -25.94
N SER B 53 11.34 -5.31 -27.08
CA SER B 53 10.32 -4.36 -27.47
C SER B 53 9.03 -5.05 -27.88
N SER B 54 8.81 -6.28 -27.41
CA SER B 54 7.64 -7.07 -27.79
C SER B 54 6.43 -6.54 -27.02
N ARG B 55 5.69 -5.65 -27.68
CA ARG B 55 4.49 -5.06 -27.08
C ARG B 55 3.43 -6.14 -26.93
N ALA B 56 3.01 -6.39 -25.68
CA ALA B 56 2.05 -7.45 -25.41
C ALA B 56 0.68 -7.14 -26.02
N THR B 57 -0.11 -8.19 -26.17
CA THR B 57 -1.44 -8.04 -26.77
C THR B 57 -2.34 -7.21 -25.86
N GLY B 58 -2.95 -6.17 -26.43
CA GLY B 58 -3.81 -5.29 -25.68
C GLY B 58 -3.13 -4.11 -25.02
N ILE B 59 -1.87 -3.86 -25.35
CA ILE B 59 -1.10 -2.76 -24.76
C ILE B 59 -1.06 -1.61 -25.76
N PRO B 60 -1.33 -0.37 -25.33
CA PRO B 60 -1.31 0.76 -26.27
C PRO B 60 0.04 0.93 -26.93
N ASP B 61 0.03 1.58 -28.09
CA ASP B 61 1.24 1.75 -28.90
C ASP B 61 2.19 2.80 -28.36
N ARG B 62 1.90 3.40 -27.21
CA ARG B 62 2.80 4.37 -26.62
C ARG B 62 3.94 3.73 -25.85
N PHE B 63 3.79 2.48 -25.44
CA PHE B 63 4.82 1.77 -24.69
C PHE B 63 5.82 1.13 -25.65
N SER B 64 7.10 1.21 -25.30
CA SER B 64 8.15 0.60 -26.09
C SER B 64 9.29 0.20 -25.17
N GLY B 65 10.19 -0.62 -25.69
CA GLY B 65 11.32 -1.10 -24.90
C GLY B 65 12.57 -1.19 -25.74
N SER B 66 13.71 -1.09 -25.06
CA SER B 66 15.01 -1.21 -25.70
C SER B 66 16.01 -1.71 -24.66
N GLY B 67 17.25 -1.92 -25.10
CA GLY B 67 18.32 -2.26 -24.20
C GLY B 67 19.07 -3.51 -24.64
N SER B 68 20.15 -3.78 -23.92
CA SER B 68 21.00 -4.91 -24.19
C SER B 68 21.86 -5.22 -22.97
N GLY B 69 22.39 -6.44 -22.94
CA GLY B 69 23.30 -6.88 -21.90
C GLY B 69 22.81 -6.67 -20.48
N THR B 70 23.06 -5.48 -19.95
CA THR B 70 22.65 -5.14 -18.60
C THR B 70 21.69 -3.96 -18.53
N ASP B 71 21.74 -3.03 -19.48
CA ASP B 71 20.95 -1.81 -19.43
C ASP B 71 19.74 -1.96 -20.36
N PHE B 72 18.54 -1.91 -19.79
CA PHE B 72 17.31 -1.94 -20.56
C PHE B 72 16.45 -0.75 -20.17
N THR B 73 15.52 -0.39 -21.06
CA THR B 73 14.75 0.83 -20.90
C THR B 73 13.32 0.61 -21.37
N LEU B 74 12.37 0.95 -20.50
CA LEU B 74 10.96 1.07 -20.87
C LEU B 74 10.67 2.53 -21.17
N THR B 75 9.84 2.78 -22.18
CA THR B 75 9.63 4.14 -22.64
C THR B 75 8.16 4.37 -22.96
N ILE B 76 7.62 5.47 -22.44
CA ILE B 76 6.27 5.94 -22.76
C ILE B 76 6.44 7.25 -23.53
N SER B 77 6.04 7.24 -24.81
CA SER B 77 6.27 8.39 -25.67
C SER B 77 5.49 9.60 -25.20
N ARG B 78 4.18 9.43 -24.96
CA ARG B 78 3.32 10.52 -24.49
C ARG B 78 2.52 10.01 -23.31
N LEU B 79 2.77 10.57 -22.13
CA LEU B 79 2.09 10.12 -20.92
C LEU B 79 0.63 10.51 -20.95
N GLU B 80 -0.24 9.57 -20.61
CA GLU B 80 -1.66 9.79 -20.39
C GLU B 80 -2.00 9.56 -18.92
N PRO B 81 -3.08 10.18 -18.42
CA PRO B 81 -3.38 10.09 -16.98
C PRO B 81 -3.50 8.68 -16.45
N GLU B 82 -3.81 7.69 -17.27
CA GLU B 82 -3.92 6.31 -16.82
C GLU B 82 -2.58 5.58 -16.82
N ASP B 83 -1.49 6.27 -17.13
CA ASP B 83 -0.17 5.64 -17.18
C ASP B 83 0.62 5.79 -15.88
N PHE B 84 0.17 6.63 -14.96
CA PHE B 84 0.88 6.84 -13.69
C PHE B 84 0.60 5.67 -12.78
N ALA B 85 1.54 4.75 -12.68
CA ALA B 85 1.41 3.56 -11.85
C ALA B 85 2.80 3.15 -11.38
N VAL B 86 2.94 1.90 -10.95
CA VAL B 86 4.22 1.35 -10.49
C VAL B 86 4.68 0.32 -11.51
N TYR B 87 5.86 0.52 -12.08
CA TYR B 87 6.37 -0.34 -13.13
C TYR B 87 7.51 -1.20 -12.61
N TYR B 88 7.49 -2.48 -12.98
CA TYR B 88 8.51 -3.44 -12.60
C TYR B 88 9.14 -4.05 -13.84
N CYS B 89 10.38 -4.49 -13.73
CA CYS B 89 11.01 -5.32 -14.73
C CYS B 89 11.33 -6.69 -14.13
N GLN B 90 11.41 -7.69 -14.99
CA GLN B 90 11.57 -9.08 -14.57
C GLN B 90 12.49 -9.80 -15.54
N GLN B 91 13.34 -10.67 -14.99
CA GLN B 91 14.17 -11.57 -15.78
C GLN B 91 13.46 -12.90 -15.90
N TYR B 92 13.10 -13.28 -17.13
CA TYR B 92 12.35 -14.50 -17.38
C TYR B 92 13.05 -15.29 -18.47
N GLY B 93 13.30 -16.57 -18.22
CA GLY B 93 13.88 -17.45 -19.21
C GLY B 93 15.40 -17.51 -19.23
N SER B 94 16.05 -17.27 -18.09
CA SER B 94 17.50 -17.32 -18.02
C SER B 94 17.96 -18.28 -16.92
N SER B 95 18.04 -17.78 -15.69
CA SER B 95 18.48 -18.56 -14.55
C SER B 95 17.49 -18.40 -13.41
N PRO B 96 16.87 -19.48 -12.94
CA PRO B 96 15.96 -19.36 -11.80
C PRO B 96 16.73 -19.08 -10.53
N PRO B 97 16.10 -18.43 -9.53
CA PRO B 97 14.71 -17.95 -9.54
C PRO B 97 14.51 -16.67 -10.36
N TYR B 98 13.44 -16.65 -11.15
CA TYR B 98 13.14 -15.49 -11.99
C TYR B 98 12.59 -14.34 -11.16
N THR B 99 13.47 -13.51 -10.62
CA THR B 99 13.07 -12.45 -9.71
C THR B 99 12.66 -11.20 -10.48
N PHE B 100 12.13 -10.23 -9.75
CA PHE B 100 11.66 -8.96 -10.29
C PHE B 100 12.63 -7.84 -9.91
N GLY B 101 12.35 -6.65 -10.46
CA GLY B 101 13.03 -5.45 -10.02
C GLY B 101 12.37 -4.83 -8.82
N GLN B 102 13.01 -3.77 -8.30
CA GLN B 102 12.48 -3.10 -7.12
C GLN B 102 11.24 -2.28 -7.42
N GLY B 103 11.04 -1.88 -8.67
CA GLY B 103 9.88 -1.09 -9.04
C GLY B 103 10.20 0.38 -9.16
N THR B 104 9.49 1.05 -10.06
CA THR B 104 9.64 2.48 -10.28
C THR B 104 8.26 3.12 -10.25
N LYS B 105 8.00 3.94 -9.23
CA LYS B 105 6.72 4.62 -9.11
C LYS B 105 6.71 5.85 -10.01
N LEU B 106 5.68 5.94 -10.86
CA LEU B 106 5.47 7.14 -11.68
C LEU B 106 4.50 8.07 -10.98
N GLU B 107 4.81 9.36 -11.04
CA GLU B 107 4.09 10.38 -10.28
C GLU B 107 3.73 11.55 -11.18
N ILE B 108 2.63 12.21 -10.85
CA ILE B 108 2.21 13.40 -11.58
C ILE B 108 3.04 14.58 -11.12
N LYS B 109 3.30 15.52 -12.03
CA LYS B 109 4.16 16.67 -11.78
C LYS B 109 3.28 17.92 -11.67
N ARG B 110 3.09 18.39 -10.45
CA ARG B 110 2.40 19.65 -10.19
C ARG B 110 3.37 20.61 -9.52
N THR B 111 2.91 21.85 -9.33
CA THR B 111 3.73 22.86 -8.67
C THR B 111 3.84 22.56 -7.18
N VAL B 112 4.80 23.23 -6.54
CA VAL B 112 5.04 23.02 -5.12
C VAL B 112 3.87 23.58 -4.32
N ALA B 113 3.37 22.78 -3.38
CA ALA B 113 2.25 23.17 -2.52
C ALA B 113 2.65 22.92 -1.07
N ALA B 114 2.63 23.97 -0.27
CA ALA B 114 2.95 23.83 1.14
C ALA B 114 1.81 23.16 1.89
N PRO B 115 2.10 22.27 2.84
CA PRO B 115 1.02 21.58 3.54
C PRO B 115 0.28 22.49 4.49
N SER B 116 -0.98 22.14 4.76
CA SER B 116 -1.74 22.78 5.83
C SER B 116 -1.66 21.89 7.06
N VAL B 117 -1.09 22.41 8.14
CA VAL B 117 -0.80 21.60 9.33
C VAL B 117 -1.90 21.81 10.36
N PHE B 118 -2.29 20.72 11.01
CA PHE B 118 -3.25 20.74 12.11
C PHE B 118 -2.82 19.70 13.14
N ILE B 119 -3.18 19.95 14.41
CA ILE B 119 -2.83 19.05 15.49
C ILE B 119 -4.06 18.80 16.35
N PHE B 120 -4.35 17.53 16.60
CA PHE B 120 -5.51 17.12 17.38
C PHE B 120 -5.04 16.47 18.68
N PRO B 121 -5.42 17.02 19.83
CA PRO B 121 -5.06 16.42 21.11
C PRO B 121 -5.93 15.21 21.39
N PRO B 122 -5.54 14.36 22.33
CA PRO B 122 -6.37 13.20 22.67
C PRO B 122 -7.70 13.65 23.27
N SER B 123 -8.79 13.10 22.72
CA SER B 123 -10.12 13.40 23.24
C SER B 123 -10.26 12.87 24.67
N ASP B 124 -11.18 13.48 25.42
CA ASP B 124 -11.41 13.06 26.79
C ASP B 124 -11.93 11.64 26.87
N GLU B 125 -12.54 11.13 25.80
CA GLU B 125 -13.03 9.75 25.82
C GLU B 125 -11.87 8.76 25.79
N GLN B 126 -10.81 9.08 25.06
CA GLN B 126 -9.68 8.16 24.95
C GLN B 126 -8.86 8.11 26.23
N LEU B 127 -8.76 9.23 26.95
CA LEU B 127 -7.96 9.25 28.17
C LEU B 127 -8.54 8.35 29.25
N LYS B 128 -9.86 8.14 29.24
CA LYS B 128 -10.48 7.22 30.18
C LYS B 128 -10.14 5.76 29.88
N SER B 129 -9.63 5.45 28.69
CA SER B 129 -9.24 4.09 28.34
C SER B 129 -7.85 3.71 28.80
N GLY B 130 -6.98 4.69 29.06
CA GLY B 130 -5.63 4.43 29.51
C GLY B 130 -4.53 4.82 28.54
N THR B 131 -4.87 5.24 27.32
CA THR B 131 -3.87 5.61 26.32
C THR B 131 -4.28 6.95 25.72
N ALA B 132 -3.31 7.62 25.08
CA ALA B 132 -3.55 8.93 24.47
C ALA B 132 -2.80 9.00 23.16
N SER B 133 -3.51 9.32 22.09
CA SER B 133 -2.95 9.45 20.75
C SER B 133 -3.13 10.87 20.26
N VAL B 134 -2.02 11.56 20.04
CA VAL B 134 -2.02 12.90 19.47
C VAL B 134 -1.80 12.76 17.96
N VAL B 135 -2.58 13.51 17.18
CA VAL B 135 -2.56 13.37 15.72
C VAL B 135 -2.05 14.67 15.11
N CYS B 136 -1.22 14.54 14.07
CA CYS B 136 -0.77 15.68 13.29
C CYS B 136 -1.09 15.43 11.82
N LEU B 137 -1.75 16.38 11.18
CA LEU B 137 -2.24 16.23 9.82
C LEU B 137 -1.63 17.29 8.92
N LEU B 138 -1.09 16.87 7.78
CA LEU B 138 -0.62 17.75 6.72
C LEU B 138 -1.52 17.52 5.52
N ASN B 139 -2.32 18.53 5.18
CA ASN B 139 -3.29 18.41 4.10
C ASN B 139 -2.79 19.10 2.84
N ASN B 140 -2.96 18.41 1.71
CA ASN B 140 -2.73 18.92 0.36
C ASN B 140 -1.37 19.55 0.19
N PHE B 141 -0.35 18.73 -0.06
CA PHE B 141 1.02 19.22 -0.24
C PHE B 141 1.70 18.42 -1.34
N TYR B 142 2.70 19.06 -1.96
CA TYR B 142 3.52 18.45 -3.00
C TYR B 142 4.88 19.13 -2.97
N PRO B 143 5.98 18.37 -3.09
CA PRO B 143 6.04 16.92 -3.28
C PRO B 143 5.80 16.12 -2.01
N ARG B 144 5.93 14.79 -2.12
CA ARG B 144 5.65 13.91 -0.98
C ARG B 144 6.75 14.00 0.06
N GLU B 145 7.99 14.29 -0.35
CA GLU B 145 9.11 14.33 0.59
C GLU B 145 8.93 15.42 1.63
N ALA B 146 8.56 15.03 2.85
CA ALA B 146 8.37 15.96 3.96
C ALA B 146 8.54 15.19 5.26
N LYS B 147 9.06 15.87 6.28
CA LYS B 147 9.34 15.24 7.56
C LYS B 147 8.54 15.90 8.66
N VAL B 148 8.15 15.11 9.66
CA VAL B 148 7.40 15.58 10.82
C VAL B 148 8.11 15.11 12.08
N GLN B 149 8.12 15.96 13.10
CA GLN B 149 8.81 15.68 14.35
C GLN B 149 7.93 16.09 15.53
N TRP B 150 7.85 15.21 16.52
CA TRP B 150 7.08 15.45 17.73
C TRP B 150 8.00 15.94 18.84
N LYS B 151 7.49 16.84 19.67
CA LYS B 151 8.24 17.35 20.81
C LYS B 151 7.32 17.50 22.01
N VAL B 152 7.64 16.79 23.08
CA VAL B 152 6.95 16.93 24.37
C VAL B 152 7.85 17.76 25.27
N ASP B 153 7.41 18.97 25.60
CA ASP B 153 8.21 19.94 26.35
C ASP B 153 9.52 20.23 25.62
N ASN B 154 9.43 20.47 24.32
CA ASN B 154 10.57 20.81 23.46
C ASN B 154 11.64 19.73 23.48
N ALA B 155 11.27 18.49 23.78
CA ALA B 155 12.19 17.36 23.77
C ALA B 155 11.90 16.48 22.57
N LEU B 156 12.93 16.19 21.77
CA LEU B 156 12.75 15.44 20.53
C LEU B 156 12.30 14.01 20.83
N GLN B 157 11.12 13.65 20.33
CA GLN B 157 10.56 12.32 20.52
C GLN B 157 11.02 11.39 19.40
N SER B 158 11.15 10.11 19.74
CA SER B 158 11.59 9.11 18.77
C SER B 158 11.14 7.74 19.25
N GLY B 159 10.83 6.86 18.29
CA GLY B 159 10.43 5.52 18.61
C GLY B 159 9.03 5.38 19.17
N ASN B 160 8.16 6.38 18.98
CA ASN B 160 6.80 6.28 19.49
C ASN B 160 5.78 6.96 18.59
N SER B 161 6.11 7.22 17.33
CA SER B 161 5.20 7.88 16.40
C SER B 161 5.13 7.08 15.11
N GLN B 162 3.90 6.82 14.65
CA GLN B 162 3.68 6.13 13.40
C GLN B 162 3.11 7.10 12.37
N GLU B 163 3.24 6.73 11.10
CA GLU B 163 2.96 7.65 10.00
C GLU B 163 2.15 6.95 8.91
N SER B 164 1.34 7.73 8.20
CA SER B 164 0.56 7.22 7.08
C SER B 164 0.38 8.33 6.07
N VAL B 165 0.41 7.97 4.79
CA VAL B 165 0.22 8.92 3.70
C VAL B 165 -0.73 8.30 2.68
N THR B 166 -1.65 9.11 2.17
CA THR B 166 -2.60 8.66 1.17
C THR B 166 -1.94 8.62 -0.21
N GLU B 167 -2.63 7.97 -1.14
CA GLU B 167 -2.20 8.03 -2.53
C GLU B 167 -2.38 9.46 -3.07
N GLN B 168 -1.75 9.71 -4.22
CA GLN B 168 -1.83 11.02 -4.83
C GLN B 168 -3.28 11.33 -5.20
N ASP B 169 -3.82 12.40 -4.64
CA ASP B 169 -5.21 12.75 -4.86
C ASP B 169 -5.47 13.01 -6.35
N SER B 170 -6.43 12.29 -6.92
CA SER B 170 -6.70 12.37 -8.35
C SER B 170 -7.30 13.70 -8.76
N LYS B 171 -7.60 14.59 -7.82
CA LYS B 171 -8.23 15.87 -8.13
C LYS B 171 -7.23 17.02 -8.22
N ASP B 172 -6.28 17.11 -7.29
CA ASP B 172 -5.28 18.18 -7.30
C ASP B 172 -3.85 17.66 -7.33
N SER B 173 -3.66 16.34 -7.45
CA SER B 173 -2.33 15.74 -7.55
C SER B 173 -1.47 16.02 -6.32
N THR B 174 -2.10 16.21 -5.17
CA THR B 174 -1.40 16.46 -3.92
C THR B 174 -1.46 15.22 -3.04
N TYR B 175 -0.80 15.31 -1.87
CA TYR B 175 -0.74 14.23 -0.91
C TYR B 175 -1.29 14.72 0.43
N SER B 176 -1.47 13.77 1.35
CA SER B 176 -1.92 14.07 2.70
C SER B 176 -1.25 13.10 3.66
N LEU B 177 -0.85 13.61 4.82
CA LEU B 177 -0.04 12.86 5.76
C LEU B 177 -0.63 12.95 7.16
N SER B 178 -0.58 11.85 7.91
CA SER B 178 -1.06 11.83 9.27
C SER B 178 -0.08 11.06 10.14
N SER B 179 0.34 11.67 11.24
CA SER B 179 1.27 11.08 12.18
C SER B 179 0.62 10.96 13.55
N THR B 180 0.67 9.77 14.12
CA THR B 180 0.07 9.48 15.42
C THR B 180 1.18 9.24 16.44
N LEU B 181 1.18 10.04 17.50
CA LEU B 181 2.09 9.87 18.63
C LEU B 181 1.30 9.28 19.79
N THR B 182 1.69 8.08 20.22
CA THR B 182 0.94 7.32 21.21
C THR B 182 1.72 7.27 22.52
N LEU B 183 1.05 7.62 23.62
CA LEU B 183 1.66 7.62 24.94
C LEU B 183 0.66 7.14 25.98
N SER B 184 1.17 6.50 27.03
CA SER B 184 0.30 6.06 28.11
C SER B 184 -0.28 7.27 28.84
N LYS B 185 -1.33 7.00 29.64
CA LYS B 185 -2.00 8.08 30.35
C LYS B 185 -1.05 8.77 31.32
N ALA B 186 -0.19 8.01 31.99
CA ALA B 186 0.76 8.60 32.94
C ALA B 186 1.79 9.46 32.21
N ASP B 187 2.42 8.90 31.17
CA ASP B 187 3.40 9.66 30.41
C ASP B 187 2.77 10.88 29.75
N TYR B 188 1.48 10.80 29.41
CA TYR B 188 0.81 11.97 28.84
C TYR B 188 0.56 13.03 29.89
N GLU B 189 0.07 12.63 31.07
CA GLU B 189 -0.17 13.58 32.16
C GLU B 189 1.11 14.05 32.84
N LYS B 190 2.26 13.51 32.46
CA LYS B 190 3.53 13.99 33.02
C LYS B 190 3.80 15.44 32.60
N HIS B 191 3.74 15.71 31.30
CA HIS B 191 4.26 16.94 30.74
C HIS B 191 3.12 17.79 30.16
N LYS B 192 3.49 18.97 29.65
CA LYS B 192 2.54 20.05 29.41
C LYS B 192 2.35 20.33 27.93
N VAL B 193 3.36 20.86 27.25
CA VAL B 193 3.21 21.33 25.88
C VAL B 193 3.60 20.24 24.90
N TYR B 194 2.74 20.01 23.90
CA TYR B 194 2.98 19.04 22.85
C TYR B 194 2.99 19.78 21.51
N ALA B 195 4.05 19.58 20.73
CA ALA B 195 4.24 20.31 19.47
C ALA B 195 4.56 19.34 18.35
N CYS B 196 4.06 19.66 17.16
CA CYS B 196 4.34 18.92 15.94
C CYS B 196 4.94 19.90 14.94
N GLU B 197 6.18 19.66 14.55
CA GLU B 197 6.92 20.54 13.65
C GLU B 197 7.16 19.82 12.33
N VAL B 198 6.73 20.42 11.23
CA VAL B 198 6.90 19.84 9.91
C VAL B 198 7.92 20.65 9.12
N THR B 199 8.75 19.94 8.37
CA THR B 199 9.69 20.52 7.42
C THR B 199 9.33 20.01 6.03
N HIS B 200 9.07 20.94 5.11
CA HIS B 200 8.65 20.61 3.75
C HIS B 200 9.19 21.67 2.81
N GLN B 201 9.34 21.28 1.53
CA GLN B 201 9.93 22.16 0.54
C GLN B 201 9.12 23.44 0.35
N GLY B 202 7.80 23.36 0.45
CA GLY B 202 6.96 24.53 0.28
C GLY B 202 6.96 25.51 1.44
N LEU B 203 7.71 25.23 2.50
CA LEU B 203 7.78 26.09 3.67
C LEU B 203 9.12 26.80 3.69
N SER B 204 9.10 28.12 3.88
CA SER B 204 10.33 28.87 4.01
C SER B 204 11.07 28.54 5.31
N SER B 205 10.35 28.04 6.31
CA SER B 205 10.93 27.62 7.58
C SER B 205 10.03 26.55 8.18
N PRO B 206 10.55 25.67 9.02
CA PRO B 206 9.70 24.63 9.62
C PRO B 206 8.53 25.23 10.37
N VAL B 207 7.36 24.61 10.22
CA VAL B 207 6.12 25.13 10.78
C VAL B 207 5.69 24.23 11.93
N THR B 208 5.43 24.84 13.08
CA THR B 208 5.07 24.12 14.30
C THR B 208 3.64 24.43 14.70
N LYS B 209 2.90 23.39 15.09
CA LYS B 209 1.58 23.51 15.67
C LYS B 209 1.60 22.83 17.03
N SER B 210 1.18 23.54 18.07
CA SER B 210 1.32 23.04 19.43
C SER B 210 0.03 23.27 20.22
N PHE B 211 -0.11 22.48 21.28
CA PHE B 211 -1.17 22.65 22.25
C PHE B 211 -0.64 22.34 23.64
N ASN B 212 -1.26 22.94 24.65
CA ASN B 212 -0.86 22.75 26.04
C ASN B 212 -1.93 21.92 26.76
N ARG B 213 -1.49 20.89 27.47
CA ARG B 213 -2.40 19.97 28.17
C ARG B 213 -3.12 20.73 29.28
N GLY B 214 -4.17 21.44 28.88
CA GLY B 214 -4.97 22.22 29.81
C GLY B 214 -5.74 23.34 29.13
N GLU B 215 -5.03 24.29 28.55
CA GLU B 215 -5.66 25.40 27.85
C GLU B 215 -6.39 24.94 26.60
#